data_5G6E
#
_entry.id   5G6E
#
_cell.length_a   80.390
_cell.length_b   94.600
_cell.length_c   61.810
_cell.angle_alpha   90.00
_cell.angle_beta   90.00
_cell.angle_gamma   90.00
#
_symmetry.space_group_name_H-M   'P 21 21 2'
#
loop_
_entity.id
_entity.type
_entity.pdbx_description
1 polymer 'NITRIC OXIDE SYNTHASE OXYGENASE'
2 non-polymer 'PROTOPORPHYRIN IX CONTAINING FE'
3 non-polymer 5,6,7,8-TETRAHYDROBIOPTERIN
4 non-polymer 'CHLORIDE ION'
5 non-polymer 7-(((3-(PYRIDIN-3-YL)PROPYL)AMINO)METHYL)QUINOLIN-2-
6 non-polymer GLYCEROL
7 water water
#
_entity_poly.entity_id   1
_entity_poly.type   'polypeptide(L)'
_entity_poly.pdbx_seq_one_letter_code
;MEEKEILWNEAKAFIAACYQELGKAAEVKDRLADIKSEIDLTGSYVHTKEELEHGAKMAWRNSNRCIGRLFWNSLNVIDR
RDVRTKEEVRDALFHHIETATNNGKIRPTITIFPPEEKGEKQVEIWNHQLIRYAGYESDGERIGDPASCSLTAACEELGW
RGERTDFDLLPLIFRMKGDEQPVWYELPRSLVIEVPITHPDIEAFSDLELKWYGVPIISDMKLEVGGIHYNAAPFNGWYM
GTEIGARNLADEKRYDKLKKVASVIGIAADYNTDLWKDQALVELNKAVLHSYKKQGVSIVDHHTAASQFKRFEEQAEEAG
RKLTGDWTWLIPPISPAATHIFHRSYDNSIVKPNYFYQDKPYE
;
_entity_poly.pdbx_strand_id   A
#
loop_
_chem_comp.id
_chem_comp.type
_chem_comp.name
_chem_comp.formula
CL non-polymer 'CHLORIDE ION' 'Cl -1'
GOL non-polymer GLYCEROL 'C3 H8 O3'
H4B non-polymer 5,6,7,8-TETRAHYDROBIOPTERIN 'C9 H15 N5 O3'
HEM non-polymer 'PROTOPORPHYRIN IX CONTAINING FE' 'C34 H32 Fe N4 O4'
XH8 non-polymer 7-(((3-(PYRIDIN-3-YL)PROPYL)AMINO)METHYL)QUINOLIN-2- 'C18 H20 N4'
#
# COMPACT_ATOMS: atom_id res chain seq x y z
N GLU A 2 -32.75 -2.70 -4.95
CA GLU A 2 -32.07 -2.27 -3.73
C GLU A 2 -30.62 -1.92 -4.02
N GLU A 3 -29.88 -2.89 -4.57
CA GLU A 3 -28.48 -2.71 -4.90
C GLU A 3 -28.34 -1.71 -6.05
N LYS A 4 -29.45 -1.48 -6.74
CA LYS A 4 -29.52 -0.50 -7.81
C LYS A 4 -29.66 0.91 -7.21
N GLU A 5 -30.30 0.98 -6.05
CA GLU A 5 -30.52 2.26 -5.37
C GLU A 5 -29.26 2.75 -4.67
N ILE A 6 -28.61 1.85 -3.93
CA ILE A 6 -27.41 2.18 -3.18
C ILE A 6 -26.33 2.72 -4.12
N LEU A 7 -26.26 2.15 -5.33
CA LEU A 7 -25.31 2.58 -6.35
C LEU A 7 -25.65 3.98 -6.86
N TRP A 8 -26.95 4.24 -7.02
CA TRP A 8 -27.43 5.52 -7.51
C TRP A 8 -27.15 6.65 -6.52
N ASN A 9 -27.31 6.38 -5.23
CA ASN A 9 -27.05 7.37 -4.20
C ASN A 9 -25.56 7.73 -4.10
N GLU A 10 -24.71 6.70 -4.10
CA GLU A 10 -23.26 6.89 -4.02
C GLU A 10 -22.74 7.59 -5.28
N ALA A 11 -23.30 7.23 -6.43
CA ALA A 11 -22.88 7.84 -7.70
C ALA A 11 -23.27 9.31 -7.79
N LYS A 12 -24.47 9.64 -7.30
CA LYS A 12 -24.93 11.03 -7.29
C LYS A 12 -24.00 11.90 -6.46
N ALA A 13 -23.61 11.38 -5.31
CA ALA A 13 -22.70 12.11 -4.42
C ALA A 13 -21.33 12.30 -5.06
N PHE A 14 -20.82 11.25 -5.70
CA PHE A 14 -19.49 11.27 -6.30
C PHE A 14 -19.38 12.13 -7.55
N ILE A 15 -20.24 11.86 -8.54
CA ILE A 15 -20.20 12.60 -9.80
C ILE A 15 -20.33 14.09 -9.56
N ALA A 16 -21.28 14.47 -8.72
CA ALA A 16 -21.47 15.87 -8.36
C ALA A 16 -20.18 16.48 -7.82
N ALA A 17 -19.56 15.79 -6.88
CA ALA A 17 -18.33 16.28 -6.24
C ALA A 17 -17.11 16.25 -7.16
N CYS A 18 -16.93 15.15 -7.87
CA CYS A 18 -15.79 15.00 -8.78
C CYS A 18 -15.82 16.07 -9.88
N TYR A 19 -16.96 16.19 -10.54
CA TYR A 19 -17.13 17.22 -11.57
C TYR A 19 -17.06 18.62 -10.97
N GLN A 20 -17.49 18.77 -9.72
CA GLN A 20 -17.35 20.03 -8.99
C GLN A 20 -15.88 20.45 -8.90
N GLU A 21 -15.03 19.48 -8.58
CA GLU A 21 -13.60 19.73 -8.44
C GLU A 21 -12.90 19.85 -9.80
N LEU A 22 -13.45 19.15 -10.80
CA LEU A 22 -12.85 19.17 -12.13
C LEU A 22 -13.21 20.44 -12.90
N GLY A 23 -14.24 21.14 -12.44
CA GLY A 23 -14.71 22.32 -13.13
C GLY A 23 -15.66 21.95 -14.26
N LYS A 24 -16.41 20.88 -14.07
CA LYS A 24 -17.41 20.46 -15.03
C LYS A 24 -18.77 20.38 -14.35
N ALA A 25 -19.05 21.36 -13.49
CA ALA A 25 -20.27 21.36 -12.67
C ALA A 25 -21.56 21.41 -13.49
N ALA A 26 -21.46 21.89 -14.72
CA ALA A 26 -22.62 21.96 -15.61
C ALA A 26 -22.83 20.64 -16.34
N GLU A 27 -21.77 19.83 -16.42
CA GLU A 27 -21.83 18.54 -17.10
C GLU A 27 -22.40 17.45 -16.20
N VAL A 28 -22.61 17.80 -14.93
CA VAL A 28 -23.11 16.86 -13.93
C VAL A 28 -24.46 16.24 -14.30
N LYS A 29 -25.34 17.06 -14.84
CA LYS A 29 -26.74 16.67 -15.04
C LYS A 29 -26.97 15.70 -16.21
N ASP A 30 -26.36 15.98 -17.36
CA ASP A 30 -26.50 15.10 -18.52
C ASP A 30 -25.67 13.82 -18.37
N ARG A 31 -24.84 13.78 -17.32
CA ARG A 31 -24.04 12.60 -17.01
C ARG A 31 -24.78 11.70 -16.04
N LEU A 32 -25.43 12.31 -15.06
CA LEU A 32 -26.23 11.57 -14.07
C LEU A 32 -27.41 10.87 -14.74
N ALA A 33 -27.96 11.50 -15.78
CA ALA A 33 -29.02 10.89 -16.55
C ALA A 33 -28.53 9.62 -17.23
N ASP A 34 -27.42 9.76 -17.96
CA ASP A 34 -26.79 8.62 -18.63
C ASP A 34 -26.53 7.49 -17.65
N ILE A 35 -26.06 7.84 -16.45
CA ILE A 35 -25.87 6.88 -15.38
C ILE A 35 -27.21 6.35 -14.89
N LYS A 36 -28.18 7.25 -14.69
CA LYS A 36 -29.51 6.87 -14.22
C LYS A 36 -30.15 5.82 -15.13
N SER A 37 -29.90 5.94 -16.43
CA SER A 37 -30.42 4.97 -17.39
C SER A 37 -29.60 3.68 -17.33
N GLU A 38 -28.29 3.83 -17.52
CA GLU A 38 -27.36 2.70 -17.56
C GLU A 38 -27.46 1.83 -16.30
N ILE A 39 -27.66 2.45 -15.15
CA ILE A 39 -27.89 1.73 -13.90
C ILE A 39 -29.16 0.89 -14.01
N ASP A 40 -30.27 1.53 -14.40
CA ASP A 40 -31.56 0.86 -14.52
C ASP A 40 -31.54 -0.29 -15.53
N LEU A 41 -30.80 -0.12 -16.62
CA LEU A 41 -30.80 -1.10 -17.71
C LEU A 41 -29.78 -2.21 -17.51
N THR A 42 -28.63 -1.88 -16.91
CA THR A 42 -27.52 -2.81 -16.84
C THR A 42 -27.16 -3.26 -15.42
N GLY A 43 -27.66 -2.54 -14.42
CA GLY A 43 -27.38 -2.90 -13.04
C GLY A 43 -26.21 -2.13 -12.46
N SER A 44 -25.39 -1.57 -13.34
CA SER A 44 -24.22 -0.79 -12.94
C SER A 44 -23.95 0.32 -13.94
N TYR A 45 -22.98 1.17 -13.63
CA TYR A 45 -22.50 2.16 -14.60
C TYR A 45 -20.99 2.07 -14.77
N VAL A 46 -20.48 2.59 -15.89
CA VAL A 46 -19.06 2.53 -16.18
C VAL A 46 -18.46 3.93 -16.10
N HIS A 47 -17.41 4.08 -15.30
CA HIS A 47 -16.74 5.36 -15.15
C HIS A 47 -16.04 5.81 -16.43
N THR A 48 -15.91 7.11 -16.60
CA THR A 48 -15.10 7.66 -17.67
C THR A 48 -13.65 7.63 -17.18
N LYS A 49 -12.71 7.77 -18.10
CA LYS A 49 -11.29 7.73 -17.76
C LYS A 49 -10.90 8.85 -16.80
N GLU A 50 -11.65 9.95 -16.83
CA GLU A 50 -11.34 11.11 -16.01
C GLU A 50 -11.87 10.97 -14.57
N GLU A 51 -13.08 10.45 -14.43
CA GLU A 51 -13.69 10.25 -13.13
C GLU A 51 -12.89 9.23 -12.32
N LEU A 52 -12.47 8.16 -12.98
CA LEU A 52 -11.74 7.07 -12.34
C LEU A 52 -10.35 7.54 -11.90
N GLU A 53 -9.67 8.26 -12.77
CA GLU A 53 -8.38 8.84 -12.44
C GLU A 53 -8.50 9.76 -11.23
N HIS A 54 -9.54 10.59 -11.22
CA HIS A 54 -9.75 11.52 -10.13
C HIS A 54 -10.32 10.83 -8.90
N GLY A 55 -11.17 9.83 -9.13
CA GLY A 55 -11.76 9.08 -8.04
C GLY A 55 -10.72 8.32 -7.23
N ALA A 56 -9.68 7.86 -7.92
CA ALA A 56 -8.58 7.17 -7.26
C ALA A 56 -7.70 8.15 -6.49
N LYS A 57 -7.66 9.39 -6.96
CA LYS A 57 -6.94 10.45 -6.26
C LYS A 57 -7.74 10.94 -5.06
N MET A 58 -9.06 11.00 -5.21
CA MET A 58 -9.95 11.40 -4.13
C MET A 58 -9.95 10.38 -3.00
N ALA A 59 -9.72 9.12 -3.36
CA ALA A 59 -9.73 8.02 -2.40
C ALA A 59 -8.49 8.03 -1.53
N TRP A 60 -7.35 8.39 -2.12
CA TRP A 60 -6.09 8.50 -1.40
C TRP A 60 -6.18 9.68 -0.43
N ARG A 61 -6.82 10.75 -0.89
CA ARG A 61 -6.99 11.97 -0.11
C ARG A 61 -7.83 11.71 1.15
N ASN A 62 -8.74 10.75 1.04
CA ASN A 62 -9.65 10.44 2.15
C ASN A 62 -9.17 9.29 3.02
N SER A 63 -7.93 8.86 2.81
CA SER A 63 -7.33 7.82 3.63
C SER A 63 -6.83 8.38 4.96
N ASN A 64 -7.66 8.25 6.00
CA ASN A 64 -7.38 8.82 7.31
C ASN A 64 -6.05 8.39 7.94
N ARG A 65 -5.50 7.28 7.47
CA ARG A 65 -4.30 6.70 8.07
C ARG A 65 -3.02 7.02 7.31
N CYS A 66 -3.16 7.64 6.14
CA CYS A 66 -1.99 7.96 5.32
C CYS A 66 -1.34 9.29 5.67
N ILE A 67 -0.03 9.25 5.91
CA ILE A 67 0.73 10.45 6.26
C ILE A 67 1.28 11.15 5.02
N GLY A 68 1.19 10.49 3.86
CA GLY A 68 1.76 11.02 2.64
C GLY A 68 0.74 11.58 1.66
N ARG A 69 -0.41 12.00 2.18
CA ARG A 69 -1.52 12.44 1.33
C ARG A 69 -1.32 13.79 0.62
N LEU A 70 -0.18 14.43 0.83
CA LEU A 70 0.08 15.74 0.23
C LEU A 70 0.10 15.66 -1.30
N PHE A 71 0.53 14.51 -1.82
CA PHE A 71 0.73 14.34 -3.25
C PHE A 71 -0.37 13.51 -3.90
N TRP A 72 -1.57 13.61 -3.35
CA TRP A 72 -2.71 12.83 -3.85
C TRP A 72 -3.03 13.08 -5.32
N ASN A 73 -2.72 14.28 -5.80
CA ASN A 73 -3.08 14.67 -7.16
C ASN A 73 -2.03 14.26 -8.21
N SER A 74 -0.85 13.85 -7.77
CA SER A 74 0.18 13.43 -8.71
C SER A 74 0.19 11.92 -8.92
N LEU A 75 -0.89 11.27 -8.49
CA LEU A 75 -1.01 9.82 -8.60
C LEU A 75 -1.15 9.39 -10.06
N ASN A 76 -0.26 8.52 -10.50
CA ASN A 76 -0.30 7.96 -11.86
C ASN A 76 -1.32 6.83 -11.94
N VAL A 77 -2.41 7.05 -12.65
CA VAL A 77 -3.49 6.07 -12.72
C VAL A 77 -3.49 5.26 -14.03
N ILE A 78 -3.27 3.96 -13.94
CA ILE A 78 -3.29 3.09 -15.11
C ILE A 78 -4.61 2.35 -15.22
N ASP A 79 -5.37 2.64 -16.26
CA ASP A 79 -6.70 2.08 -16.46
C ASP A 79 -6.65 0.73 -17.20
N ARG A 80 -6.71 -0.36 -16.44
CA ARG A 80 -6.67 -1.69 -17.03
C ARG A 80 -7.97 -2.47 -16.83
N ARG A 81 -9.09 -1.82 -17.14
CA ARG A 81 -10.41 -2.44 -17.04
C ARG A 81 -10.72 -3.27 -18.28
N ASP A 82 -9.75 -3.36 -19.18
CA ASP A 82 -9.91 -4.06 -20.44
C ASP A 82 -9.36 -5.50 -20.37
N VAL A 83 -8.68 -5.82 -19.28
CA VAL A 83 -8.07 -7.14 -19.12
C VAL A 83 -9.12 -8.25 -19.02
N ARG A 84 -8.84 -9.38 -19.68
CA ARG A 84 -9.77 -10.50 -19.70
C ARG A 84 -9.05 -11.79 -19.36
N THR A 85 -7.76 -11.85 -19.66
CA THR A 85 -6.95 -13.03 -19.43
C THR A 85 -5.95 -12.83 -18.29
N LYS A 86 -5.44 -13.93 -17.74
CA LYS A 86 -4.51 -13.86 -16.61
C LYS A 86 -3.09 -13.54 -17.07
N GLU A 87 -2.85 -13.62 -18.37
CA GLU A 87 -1.57 -13.20 -18.93
C GLU A 87 -1.56 -11.68 -19.06
N GLU A 88 -2.75 -11.09 -19.17
CA GLU A 88 -2.89 -9.65 -19.18
C GLU A 88 -2.80 -9.08 -17.76
N VAL A 89 -3.45 -9.76 -16.82
CA VAL A 89 -3.38 -9.40 -15.41
C VAL A 89 -1.93 -9.43 -14.93
N ARG A 90 -1.24 -10.53 -15.25
CA ARG A 90 0.14 -10.72 -14.84
C ARG A 90 1.08 -9.67 -15.45
N ASP A 91 0.93 -9.43 -16.75
CA ASP A 91 1.76 -8.45 -17.44
C ASP A 91 1.52 -7.05 -16.90
N ALA A 92 0.26 -6.72 -16.62
CA ALA A 92 -0.08 -5.44 -16.02
C ALA A 92 0.55 -5.27 -14.65
N LEU A 93 0.61 -6.36 -13.89
CA LEU A 93 1.25 -6.35 -12.57
C LEU A 93 2.76 -6.24 -12.71
N PHE A 94 3.32 -6.92 -13.72
CA PHE A 94 4.73 -6.79 -14.05
C PHE A 94 5.04 -5.35 -14.44
N HIS A 95 4.17 -4.78 -15.27
CA HIS A 95 4.34 -3.41 -15.73
C HIS A 95 4.22 -2.41 -14.58
N HIS A 96 3.28 -2.67 -13.66
CA HIS A 96 3.10 -1.78 -12.52
C HIS A 96 4.38 -1.71 -11.71
N ILE A 97 4.92 -2.88 -11.37
CA ILE A 97 6.21 -2.95 -10.68
C ILE A 97 7.27 -2.13 -11.41
N GLU A 98 7.35 -2.33 -12.73
CA GLU A 98 8.35 -1.68 -13.56
C GLU A 98 8.20 -0.16 -13.59
N THR A 99 6.99 0.33 -13.86
CA THR A 99 6.78 1.77 -14.00
C THR A 99 6.71 2.51 -12.66
N ALA A 100 6.23 1.84 -11.62
CA ALA A 100 6.18 2.45 -10.30
C ALA A 100 7.58 2.55 -9.70
N THR A 101 8.39 1.52 -9.92
CA THR A 101 9.77 1.53 -9.47
C THR A 101 10.54 2.67 -10.13
N ASN A 102 10.49 2.72 -11.45
CA ASN A 102 11.11 3.78 -12.24
C ASN A 102 12.60 3.95 -11.91
N ASN A 103 13.33 2.84 -11.97
CA ASN A 103 14.78 2.81 -11.73
C ASN A 103 15.19 3.31 -10.34
N GLY A 104 14.24 3.38 -9.42
CA GLY A 104 14.55 3.84 -8.07
C GLY A 104 13.85 5.14 -7.72
N LYS A 105 13.52 5.94 -8.73
CA LYS A 105 12.80 7.17 -8.48
C LYS A 105 11.29 6.89 -8.55
N ILE A 106 10.77 6.37 -7.44
CA ILE A 106 9.41 5.80 -7.37
C ILE A 106 8.28 6.75 -7.76
N ARG A 107 7.43 6.30 -8.69
CA ARG A 107 6.22 7.03 -9.05
C ARG A 107 5.05 6.42 -8.30
N PRO A 108 4.33 7.26 -7.53
CA PRO A 108 3.06 6.80 -6.94
C PRO A 108 2.10 6.40 -8.05
N THR A 109 1.80 5.10 -8.13
CA THR A 109 1.03 4.56 -9.24
C THR A 109 -0.07 3.65 -8.73
N ILE A 110 -1.19 3.59 -9.46
CA ILE A 110 -2.23 2.62 -9.18
C ILE A 110 -2.72 1.99 -10.48
N THR A 111 -2.84 0.67 -10.50
CA THR A 111 -3.38 -0.02 -11.67
C THR A 111 -4.79 -0.49 -11.32
N ILE A 112 -5.76 -0.14 -12.15
CA ILE A 112 -7.15 -0.46 -11.85
C ILE A 112 -7.73 -1.53 -12.78
N PHE A 113 -8.11 -2.66 -12.19
CA PHE A 113 -8.66 -3.80 -12.92
C PHE A 113 -10.17 -3.72 -12.88
N PRO A 114 -10.87 -4.53 -13.71
CA PRO A 114 -12.34 -4.56 -13.68
C PRO A 114 -12.91 -4.74 -12.28
N PRO A 115 -13.98 -3.99 -11.96
CA PRO A 115 -14.60 -4.03 -10.62
C PRO A 115 -15.60 -5.17 -10.53
N GLU A 116 -16.16 -5.38 -9.34
CA GLU A 116 -17.20 -6.39 -9.16
C GLU A 116 -18.45 -6.01 -9.93
N GLU A 117 -19.02 -6.96 -10.66
CA GLU A 117 -20.25 -6.71 -11.41
C GLU A 117 -21.44 -6.63 -10.45
N LYS A 118 -21.91 -7.79 -10.01
CA LYS A 118 -22.99 -7.86 -9.04
C LYS A 118 -22.48 -8.54 -7.77
N GLY A 119 -21.38 -8.04 -7.24
CA GLY A 119 -20.74 -8.65 -6.08
C GLY A 119 -19.72 -9.68 -6.52
N GLU A 120 -19.76 -10.03 -7.80
CA GLU A 120 -18.86 -11.03 -8.36
C GLU A 120 -17.54 -10.41 -8.81
N LYS A 121 -16.45 -10.89 -8.22
CA LYS A 121 -15.11 -10.41 -8.59
C LYS A 121 -14.69 -10.94 -9.97
N GLN A 122 -14.12 -10.06 -10.77
CA GLN A 122 -13.58 -10.44 -12.07
C GLN A 122 -12.17 -10.93 -11.88
N VAL A 123 -11.41 -10.20 -11.08
CA VAL A 123 -10.05 -10.59 -10.70
C VAL A 123 -9.94 -10.51 -9.18
N GLU A 124 -9.17 -11.41 -8.59
CA GLU A 124 -9.07 -11.52 -7.14
C GLU A 124 -7.62 -11.74 -6.73
N ILE A 125 -6.93 -10.65 -6.39
CA ILE A 125 -5.51 -10.72 -6.03
C ILE A 125 -5.31 -11.19 -4.58
N TRP A 126 -4.44 -12.18 -4.41
CA TRP A 126 -4.20 -12.77 -3.09
C TRP A 126 -3.06 -12.11 -2.35
N ASN A 127 -2.13 -11.54 -3.11
CA ASN A 127 -0.98 -10.89 -2.52
C ASN A 127 -1.39 -9.70 -1.65
N HIS A 128 -0.75 -9.56 -0.49
CA HIS A 128 -0.91 -8.35 0.30
C HIS A 128 -0.19 -7.23 -0.44
N GLN A 129 1.08 -7.49 -0.74
CA GLN A 129 1.87 -6.60 -1.59
C GLN A 129 2.47 -7.43 -2.73
N LEU A 130 2.57 -6.83 -3.92
CA LEU A 130 3.11 -7.52 -5.09
C LEU A 130 4.52 -8.04 -4.84
N ILE A 131 5.31 -7.25 -4.11
CA ILE A 131 6.63 -7.70 -3.66
C ILE A 131 6.63 -7.87 -2.15
N ARG A 132 6.84 -9.10 -1.69
CA ARG A 132 6.79 -9.40 -0.26
C ARG A 132 7.51 -10.72 0.01
N TYR A 133 8.19 -10.81 1.16
CA TYR A 133 8.96 -11.99 1.50
C TYR A 133 8.07 -13.08 2.11
N ALA A 134 8.44 -14.34 1.89
CA ALA A 134 7.69 -15.46 2.45
C ALA A 134 7.99 -15.64 3.93
N GLY A 135 7.16 -16.43 4.59
CA GLY A 135 7.35 -16.71 6.01
C GLY A 135 7.05 -18.15 6.34
N TYR A 136 7.91 -18.76 7.14
CA TYR A 136 7.79 -20.17 7.45
C TYR A 136 7.82 -20.45 8.96
N GLU A 137 6.83 -21.21 9.43
CA GLU A 137 6.77 -21.63 10.83
C GLU A 137 6.45 -23.12 10.88
N SER A 138 7.44 -23.93 11.31
CA SER A 138 7.26 -25.37 11.36
C SER A 138 8.25 -26.03 12.32
N ASP A 139 7.76 -26.48 13.46
CA ASP A 139 8.56 -27.22 14.45
C ASP A 139 9.81 -26.43 14.86
N GLY A 140 9.61 -25.34 15.57
CA GLY A 140 10.73 -24.52 16.03
C GLY A 140 11.29 -23.62 14.95
N GLU A 141 11.08 -23.98 13.69
CA GLU A 141 11.53 -23.15 12.58
C GLU A 141 10.72 -21.87 12.48
N ARG A 142 11.41 -20.74 12.50
CA ARG A 142 10.80 -19.49 12.12
C ARG A 142 11.71 -18.83 11.09
N ILE A 143 11.30 -18.90 9.82
CA ILE A 143 12.10 -18.35 8.73
C ILE A 143 11.28 -17.33 7.95
N GLY A 144 11.89 -16.19 7.63
CA GLY A 144 11.21 -15.18 6.84
C GLY A 144 10.27 -14.29 7.63
N ASP A 145 9.21 -13.83 6.98
CA ASP A 145 8.27 -12.88 7.57
C ASP A 145 7.02 -13.60 8.07
N PRO A 146 6.86 -13.67 9.41
CA PRO A 146 5.71 -14.34 10.03
C PRO A 146 4.39 -13.80 9.52
N ALA A 147 4.36 -12.53 9.13
CA ALA A 147 3.17 -11.91 8.55
C ALA A 147 2.75 -12.58 7.24
N SER A 148 3.70 -13.26 6.60
CA SER A 148 3.45 -13.92 5.32
C SER A 148 3.19 -15.42 5.45
N CYS A 149 3.10 -15.92 6.67
CA CYS A 149 2.96 -17.37 6.92
C CYS A 149 1.73 -17.98 6.25
N SER A 150 0.58 -17.32 6.38
CA SER A 150 -0.66 -17.87 5.84
C SER A 150 -0.65 -17.93 4.31
N LEU A 151 -0.28 -16.82 3.67
CA LEU A 151 -0.20 -16.77 2.21
C LEU A 151 0.84 -17.75 1.67
N THR A 152 1.99 -17.82 2.35
CA THR A 152 3.07 -18.71 1.95
C THR A 152 2.62 -20.17 1.92
N ALA A 153 1.94 -20.59 2.98
CA ALA A 153 1.40 -21.94 3.05
C ALA A 153 0.38 -22.18 1.93
N ALA A 154 -0.42 -21.16 1.64
CA ALA A 154 -1.41 -21.26 0.57
C ALA A 154 -0.75 -21.39 -0.80
N CYS A 155 0.34 -20.66 -1.00
CA CYS A 155 1.09 -20.75 -2.25
C CYS A 155 1.77 -22.10 -2.41
N GLU A 156 2.23 -22.67 -1.30
CA GLU A 156 2.87 -23.99 -1.32
C GLU A 156 1.85 -25.12 -1.47
N GLU A 157 0.57 -24.80 -1.26
CA GLU A 157 -0.50 -25.75 -1.52
C GLU A 157 -0.78 -25.81 -3.01
N LEU A 158 -0.22 -24.86 -3.76
CA LEU A 158 -0.51 -24.73 -5.18
C LEU A 158 0.72 -25.03 -6.06
N GLY A 159 1.70 -25.73 -5.52
CA GLY A 159 2.84 -26.19 -6.30
C GLY A 159 4.09 -25.35 -6.18
N TRP A 160 3.97 -24.17 -5.57
CA TRP A 160 5.12 -23.30 -5.35
C TRP A 160 5.99 -23.78 -4.20
N ARG A 161 7.29 -23.54 -4.30
CA ARG A 161 8.23 -23.87 -3.22
C ARG A 161 9.29 -22.78 -3.09
N GLY A 162 9.43 -22.25 -1.88
CA GLY A 162 10.44 -21.24 -1.62
C GLY A 162 11.74 -21.89 -1.19
N GLU A 163 12.85 -21.17 -1.37
CA GLU A 163 14.16 -21.68 -0.98
C GLU A 163 14.35 -21.63 0.53
N ARG A 164 13.35 -21.08 1.23
CA ARG A 164 13.34 -21.00 2.69
C ARG A 164 14.51 -20.18 3.23
N THR A 165 14.77 -19.05 2.60
CA THR A 165 15.66 -18.04 3.14
C THR A 165 14.76 -17.04 3.86
N ASP A 166 15.36 -16.13 4.62
CA ASP A 166 14.57 -15.14 5.33
C ASP A 166 13.97 -14.10 4.39
N PHE A 167 14.39 -14.13 3.14
CA PHE A 167 13.92 -13.16 2.15
C PHE A 167 13.55 -13.83 0.83
N ASP A 168 12.64 -14.80 0.91
CA ASP A 168 12.10 -15.43 -0.30
C ASP A 168 11.03 -14.55 -0.93
N LEU A 169 11.23 -14.14 -2.17
CA LEU A 169 10.18 -13.41 -2.87
C LEU A 169 8.99 -14.33 -3.12
N LEU A 170 7.82 -13.93 -2.63
CA LEU A 170 6.58 -14.64 -2.90
C LEU A 170 6.22 -14.47 -4.36
N PRO A 171 5.47 -15.43 -4.92
CA PRO A 171 5.06 -15.24 -6.31
C PRO A 171 3.83 -14.35 -6.37
N LEU A 172 3.49 -13.83 -7.54
CA LEU A 172 2.20 -13.20 -7.73
C LEU A 172 1.17 -14.31 -7.76
N ILE A 173 0.06 -14.13 -7.04
CA ILE A 173 -0.98 -15.13 -7.02
C ILE A 173 -2.36 -14.49 -7.01
N PHE A 174 -3.12 -14.75 -8.07
CA PHE A 174 -4.44 -14.15 -8.24
C PHE A 174 -5.40 -15.14 -8.89
N ARG A 175 -6.70 -14.88 -8.74
CA ARG A 175 -7.71 -15.79 -9.25
C ARG A 175 -8.68 -15.08 -10.20
N MET A 176 -8.86 -15.66 -11.39
CA MET A 176 -9.73 -15.08 -12.39
C MET A 176 -11.17 -15.59 -12.25
N LYS A 177 -12.12 -14.79 -12.70
CA LYS A 177 -13.53 -15.16 -12.61
C LYS A 177 -13.80 -16.43 -13.41
N GLY A 178 -14.27 -17.47 -12.73
CA GLY A 178 -14.56 -18.73 -13.37
C GLY A 178 -13.67 -19.85 -12.88
N ASP A 179 -12.38 -19.57 -12.76
CA ASP A 179 -11.43 -20.54 -12.28
C ASP A 179 -11.62 -20.81 -10.79
N GLU A 180 -11.40 -22.06 -10.38
CA GLU A 180 -11.55 -22.43 -8.98
C GLU A 180 -10.33 -22.03 -8.17
N GLN A 181 -9.16 -22.36 -8.68
CA GLN A 181 -7.92 -22.05 -7.97
C GLN A 181 -7.18 -20.87 -8.60
N PRO A 182 -6.42 -20.13 -7.79
CA PRO A 182 -5.65 -19.03 -8.36
C PRO A 182 -4.46 -19.58 -9.11
N VAL A 183 -3.88 -18.79 -10.02
CA VAL A 183 -2.63 -19.16 -10.65
C VAL A 183 -1.50 -18.41 -9.95
N TRP A 184 -0.27 -18.87 -10.12
CA TRP A 184 0.87 -18.12 -9.59
C TRP A 184 2.02 -17.98 -10.58
N TYR A 185 2.70 -16.84 -10.50
CA TYR A 185 3.83 -16.56 -11.38
C TYR A 185 5.01 -16.07 -10.55
N GLU A 186 6.17 -16.71 -10.71
CA GLU A 186 7.38 -16.28 -10.03
C GLU A 186 7.80 -14.91 -10.57
N LEU A 187 8.21 -14.02 -9.68
CA LEU A 187 8.60 -12.68 -10.07
C LEU A 187 9.97 -12.65 -10.76
N PRO A 188 10.06 -11.96 -11.90
CA PRO A 188 11.37 -11.75 -12.53
C PRO A 188 12.23 -10.90 -11.61
N ARG A 189 13.41 -11.41 -11.25
CA ARG A 189 14.29 -10.71 -10.33
C ARG A 189 14.74 -9.36 -10.87
N SER A 190 14.81 -9.25 -12.19
CA SER A 190 15.22 -8.02 -12.87
C SER A 190 14.25 -6.87 -12.59
N LEU A 191 13.01 -7.20 -12.26
CA LEU A 191 11.99 -6.17 -12.01
C LEU A 191 11.95 -5.72 -10.55
N VAL A 192 12.63 -6.45 -9.68
CA VAL A 192 12.56 -6.17 -8.24
C VAL A 192 13.84 -5.53 -7.72
N ILE A 193 13.71 -4.32 -7.19
CA ILE A 193 14.82 -3.67 -6.50
C ILE A 193 14.82 -4.03 -5.01
N GLU A 194 15.94 -4.54 -4.53
CA GLU A 194 16.11 -4.79 -3.10
C GLU A 194 17.22 -3.89 -2.57
N VAL A 195 17.11 -3.50 -1.30
CA VAL A 195 18.09 -2.61 -0.68
C VAL A 195 18.77 -3.30 0.49
N PRO A 196 20.08 -3.53 0.38
CA PRO A 196 20.83 -4.10 1.52
C PRO A 196 21.01 -3.05 2.60
N ILE A 197 20.68 -3.40 3.84
CA ILE A 197 20.75 -2.42 4.93
C ILE A 197 22.16 -2.31 5.49
N THR A 198 22.76 -1.13 5.35
CA THR A 198 24.06 -0.83 5.92
C THR A 198 23.95 0.40 6.80
N HIS A 199 25.01 0.70 7.55
CA HIS A 199 25.00 1.84 8.45
C HIS A 199 26.07 2.83 8.02
N PRO A 200 25.75 4.14 8.12
CA PRO A 200 26.68 5.20 7.70
C PRO A 200 28.07 5.13 8.34
N ASP A 201 28.16 4.78 9.61
CA ASP A 201 29.45 4.76 10.30
C ASP A 201 29.76 3.47 11.09
N ILE A 202 28.82 2.55 11.14
CA ILE A 202 29.06 1.25 11.78
C ILE A 202 29.18 0.15 10.71
N GLU A 203 30.42 -0.22 10.38
CA GLU A 203 30.68 -1.18 9.31
C GLU A 203 30.28 -2.61 9.72
N ALA A 204 30.15 -2.83 11.02
CA ALA A 204 29.75 -4.14 11.52
C ALA A 204 28.26 -4.42 11.25
N PHE A 205 27.54 -3.39 10.82
CA PHE A 205 26.09 -3.50 10.63
C PHE A 205 25.71 -4.44 9.49
N SER A 206 26.59 -4.56 8.49
CA SER A 206 26.34 -5.44 7.36
C SER A 206 26.33 -6.90 7.77
N ASP A 207 26.94 -7.21 8.92
CA ASP A 207 26.97 -8.57 9.42
C ASP A 207 25.58 -9.11 9.75
N LEU A 208 24.60 -8.21 9.85
CA LEU A 208 23.22 -8.60 10.08
C LEU A 208 22.59 -9.14 8.81
N GLU A 209 23.20 -8.81 7.67
CA GLU A 209 22.73 -9.21 6.36
C GLU A 209 21.24 -8.92 6.20
N LEU A 210 20.85 -7.69 6.56
CA LEU A 210 19.47 -7.27 6.42
C LEU A 210 19.24 -6.65 5.06
N LYS A 211 18.02 -6.79 4.56
CA LYS A 211 17.62 -6.10 3.34
C LYS A 211 16.10 -5.97 3.30
N TRP A 212 15.62 -5.06 2.45
CA TRP A 212 14.20 -4.94 2.21
C TRP A 212 13.95 -4.59 0.74
N TYR A 213 12.70 -4.75 0.29
CA TYR A 213 12.37 -4.43 -1.09
C TYR A 213 12.11 -2.93 -1.26
N GLY A 214 12.41 -2.42 -2.45
CA GLY A 214 12.31 -0.99 -2.72
C GLY A 214 10.91 -0.42 -2.69
N VAL A 215 9.95 -1.10 -3.31
CA VAL A 215 8.63 -0.53 -3.49
C VAL A 215 7.52 -1.33 -2.83
N PRO A 216 6.77 -0.70 -1.91
CA PRO A 216 5.59 -1.32 -1.30
C PRO A 216 4.35 -1.11 -2.17
N ILE A 217 3.86 -2.18 -2.78
CA ILE A 217 2.71 -2.10 -3.67
C ILE A 217 1.53 -2.88 -3.12
N ILE A 218 0.66 -2.19 -2.41
CA ILE A 218 -0.47 -2.83 -1.72
C ILE A 218 -1.55 -3.29 -2.71
N SER A 219 -1.90 -4.57 -2.65
CA SER A 219 -2.76 -5.18 -3.67
C SER A 219 -3.98 -5.93 -3.14
N ASP A 220 -4.29 -5.77 -1.86
CA ASP A 220 -5.44 -6.46 -1.30
C ASP A 220 -6.48 -5.52 -0.67
N MET A 221 -6.51 -4.28 -1.12
CA MET A 221 -7.48 -3.31 -0.62
C MET A 221 -8.54 -3.01 -1.68
N LYS A 222 -9.74 -2.65 -1.22
CA LYS A 222 -10.84 -2.35 -2.13
C LYS A 222 -11.01 -0.85 -2.38
N LEU A 223 -10.71 -0.42 -3.59
CA LEU A 223 -10.98 0.96 -4.00
C LEU A 223 -12.46 1.11 -4.31
N GLU A 224 -13.12 2.02 -3.60
CA GLU A 224 -14.54 2.28 -3.84
C GLU A 224 -14.75 3.68 -4.41
N VAL A 225 -15.21 3.75 -5.66
CA VAL A 225 -15.49 5.01 -6.32
C VAL A 225 -16.91 5.02 -6.87
N GLY A 226 -17.77 5.86 -6.28
CA GLY A 226 -19.14 6.03 -6.74
C GLY A 226 -19.96 4.75 -6.80
N GLY A 227 -19.99 4.00 -5.70
CA GLY A 227 -20.76 2.77 -5.67
C GLY A 227 -20.15 1.64 -6.48
N ILE A 228 -19.00 1.91 -7.09
CA ILE A 228 -18.31 0.90 -7.88
C ILE A 228 -17.14 0.35 -7.08
N HIS A 229 -17.07 -0.98 -6.96
CA HIS A 229 -16.07 -1.62 -6.11
C HIS A 229 -14.93 -2.23 -6.92
N TYR A 230 -13.85 -1.47 -7.05
CA TYR A 230 -12.62 -1.98 -7.65
C TYR A 230 -11.82 -2.75 -6.59
N ASN A 231 -12.21 -4.00 -6.38
CA ASN A 231 -11.57 -4.85 -5.38
C ASN A 231 -10.14 -5.18 -5.77
N ALA A 232 -9.84 -5.06 -7.06
CA ALA A 232 -8.49 -5.31 -7.56
C ALA A 232 -7.88 -4.02 -8.11
N ALA A 233 -7.22 -3.27 -7.24
CA ALA A 233 -6.55 -2.03 -7.66
C ALA A 233 -5.29 -1.79 -6.86
N PRO A 234 -4.21 -2.51 -7.21
CA PRO A 234 -2.94 -2.34 -6.50
C PRO A 234 -2.36 -0.95 -6.67
N PHE A 235 -2.01 -0.30 -5.55
CA PHE A 235 -1.41 1.02 -5.58
C PHE A 235 -0.07 1.02 -4.85
N ASN A 236 0.70 2.08 -5.04
CA ASN A 236 1.97 2.22 -4.34
C ASN A 236 2.38 3.66 -4.16
N GLY A 237 3.17 3.90 -3.13
CA GLY A 237 3.88 5.14 -2.96
C GLY A 237 5.31 4.75 -2.69
N TRP A 238 5.99 5.53 -1.85
CA TRP A 238 7.30 5.11 -1.35
C TRP A 238 7.23 4.85 0.14
N TYR A 239 8.29 4.25 0.68
CA TYR A 239 8.33 3.90 2.09
C TYR A 239 8.65 5.11 2.98
N MET A 240 7.97 5.18 4.12
CA MET A 240 8.46 5.99 5.22
C MET A 240 9.36 5.05 6.01
N GLY A 241 10.56 5.51 6.34
CA GLY A 241 11.59 4.66 6.92
C GLY A 241 11.16 3.85 8.13
N THR A 242 10.24 4.41 8.91
CA THR A 242 9.76 3.75 10.14
C THR A 242 9.04 2.44 9.87
N GLU A 243 8.41 2.34 8.71
CA GLU A 243 7.67 1.12 8.35
C GLU A 243 8.63 -0.07 8.29
N ILE A 244 9.83 0.18 7.80
CA ILE A 244 10.85 -0.86 7.68
C ILE A 244 11.65 -0.98 8.97
N GLY A 245 12.26 0.12 9.38
CA GLY A 245 13.18 0.12 10.51
C GLY A 245 12.58 -0.04 11.90
N ALA A 246 11.30 0.30 12.05
CA ALA A 246 10.69 0.29 13.37
C ALA A 246 9.56 -0.72 13.51
N ARG A 247 9.12 -1.31 12.41
CA ARG A 247 8.01 -2.26 12.44
C ARG A 247 8.32 -3.59 11.77
N ASN A 248 8.59 -3.54 10.46
CA ASN A 248 8.91 -4.73 9.68
C ASN A 248 10.12 -5.49 10.24
N LEU A 249 11.20 -4.77 10.53
CA LEU A 249 12.44 -5.37 11.00
C LEU A 249 12.59 -5.33 12.52
N ALA A 250 11.64 -4.72 13.22
CA ALA A 250 11.78 -4.49 14.65
C ALA A 250 10.81 -5.29 15.52
N ASP A 251 9.57 -5.43 15.08
CA ASP A 251 8.55 -6.14 15.85
C ASP A 251 8.96 -7.56 16.20
N GLU A 252 8.62 -8.01 17.40
CA GLU A 252 8.90 -9.38 17.82
C GLU A 252 8.09 -10.37 16.97
N LYS A 253 6.88 -9.95 16.59
CA LYS A 253 6.03 -10.77 15.75
C LYS A 253 6.33 -10.59 14.27
N ARG A 254 7.46 -9.98 13.97
CA ARG A 254 7.98 -9.90 12.61
C ARG A 254 9.42 -10.42 12.59
N TYR A 255 10.35 -9.58 12.15
CA TYR A 255 11.75 -10.01 12.00
C TYR A 255 12.56 -9.99 13.31
N ASP A 256 12.14 -9.18 14.28
CA ASP A 256 12.66 -9.23 15.65
C ASP A 256 14.20 -9.09 15.73
N LYS A 257 14.72 -7.97 15.21
CA LYS A 257 16.15 -7.83 15.01
C LYS A 257 16.87 -6.94 16.03
N LEU A 258 16.14 -6.40 17.02
CA LEU A 258 16.70 -5.38 17.91
C LEU A 258 17.89 -5.84 18.77
N LYS A 259 17.83 -7.05 19.31
CA LYS A 259 18.94 -7.59 20.10
C LYS A 259 20.18 -7.71 19.22
N LYS A 260 19.96 -8.12 17.98
CA LYS A 260 21.04 -8.27 17.02
C LYS A 260 21.62 -6.91 16.63
N VAL A 261 20.74 -5.90 16.52
CA VAL A 261 21.17 -4.54 16.25
C VAL A 261 22.00 -4.02 17.42
N ALA A 262 21.52 -4.25 18.63
CA ALA A 262 22.23 -3.82 19.84
C ALA A 262 23.62 -4.45 19.93
N SER A 263 23.72 -5.71 19.53
CA SER A 263 25.00 -6.41 19.54
C SER A 263 26.01 -5.81 18.56
N VAL A 264 25.58 -5.56 17.33
CA VAL A 264 26.48 -5.04 16.30
C VAL A 264 26.81 -3.56 16.46
N ILE A 265 25.94 -2.81 17.15
CA ILE A 265 26.25 -1.40 17.44
C ILE A 265 26.97 -1.26 18.78
N GLY A 266 27.34 -2.40 19.37
CA GLY A 266 28.24 -2.41 20.51
C GLY A 266 27.68 -2.01 21.86
N ILE A 267 26.36 -2.02 22.01
CA ILE A 267 25.76 -1.74 23.32
C ILE A 267 25.10 -2.99 23.92
N ALA A 268 24.97 -3.02 25.25
CA ALA A 268 24.37 -4.16 25.92
C ALA A 268 22.85 -4.14 25.84
N ALA A 269 22.24 -5.34 25.83
CA ALA A 269 20.79 -5.47 25.78
C ALA A 269 20.28 -6.11 27.06
N ASP A 270 20.81 -5.66 28.20
CA ASP A 270 20.53 -6.29 29.48
C ASP A 270 19.49 -5.55 30.33
N TYR A 271 19.52 -4.22 30.31
CA TYR A 271 18.66 -3.44 31.18
C TYR A 271 17.70 -2.51 30.43
N ASN A 272 16.46 -2.45 30.88
CA ASN A 272 15.45 -1.56 30.30
C ASN A 272 15.85 -0.10 30.50
N THR A 273 16.44 0.19 31.66
CA THR A 273 16.86 1.53 32.02
C THR A 273 17.96 2.07 31.10
N ASP A 274 18.64 1.19 30.38
CA ASP A 274 19.68 1.63 29.46
C ASP A 274 19.09 2.05 28.11
N LEU A 275 17.80 1.79 27.92
CA LEU A 275 17.09 2.16 26.70
C LEU A 275 17.75 1.62 25.44
N TRP A 276 18.08 0.33 25.44
CA TRP A 276 18.78 -0.29 24.32
C TRP A 276 17.85 -0.53 23.13
N LYS A 277 16.58 -0.82 23.41
CA LYS A 277 15.59 -1.00 22.34
C LYS A 277 15.37 0.32 21.61
N ASP A 278 15.35 1.42 22.38
CA ASP A 278 15.16 2.74 21.82
C ASP A 278 16.38 3.16 21.00
N GLN A 279 17.56 2.83 21.52
CA GLN A 279 18.81 3.16 20.85
C GLN A 279 19.01 2.31 19.58
N ALA A 280 18.67 1.03 19.67
CA ALA A 280 18.77 0.14 18.52
C ALA A 280 17.79 0.55 17.43
N LEU A 281 16.59 0.96 17.83
CA LEU A 281 15.57 1.41 16.90
C LEU A 281 16.02 2.62 16.08
N VAL A 282 16.81 3.49 16.69
CA VAL A 282 17.29 4.69 16.02
C VAL A 282 18.36 4.36 14.99
N GLU A 283 19.39 3.62 15.41
CA GLU A 283 20.49 3.28 14.52
C GLU A 283 20.04 2.37 13.36
N LEU A 284 19.07 1.50 13.62
CA LEU A 284 18.49 0.67 12.57
C LEU A 284 17.70 1.53 11.59
N ASN A 285 16.98 2.52 12.12
CA ASN A 285 16.20 3.42 11.28
C ASN A 285 17.08 4.41 10.51
N LYS A 286 18.21 4.79 11.09
CA LYS A 286 19.21 5.59 10.39
C LYS A 286 19.80 4.73 9.27
N ALA A 287 20.00 3.46 9.56
CA ALA A 287 20.55 2.52 8.59
C ALA A 287 19.64 2.34 7.37
N VAL A 288 18.33 2.21 7.63
CA VAL A 288 17.36 2.04 6.55
C VAL A 288 17.31 3.25 5.61
N LEU A 289 17.26 4.45 6.18
CA LEU A 289 17.24 5.68 5.40
C LEU A 289 18.53 5.86 4.61
N HIS A 290 19.66 5.60 5.28
CA HIS A 290 20.96 5.70 4.63
C HIS A 290 21.11 4.70 3.49
N SER A 291 20.68 3.46 3.71
CA SER A 291 20.80 2.42 2.71
C SER A 291 19.97 2.71 1.47
N TYR A 292 18.75 3.21 1.67
CA TYR A 292 17.88 3.54 0.55
C TYR A 292 18.39 4.73 -0.25
N LYS A 293 18.85 5.78 0.44
CA LYS A 293 19.43 6.93 -0.24
C LYS A 293 20.69 6.54 -1.00
N LYS A 294 21.52 5.71 -0.37
CA LYS A 294 22.79 5.31 -0.96
C LYS A 294 22.61 4.55 -2.28
N GLN A 295 21.50 3.83 -2.40
CA GLN A 295 21.21 3.05 -3.60
C GLN A 295 20.53 3.89 -4.67
N GLY A 296 19.69 4.83 -4.24
CA GLY A 296 18.97 5.67 -5.18
C GLY A 296 17.50 5.30 -5.27
N VAL A 297 16.97 4.75 -4.18
CA VAL A 297 15.55 4.41 -4.11
C VAL A 297 14.80 5.40 -3.22
N SER A 298 13.61 5.82 -3.67
CA SER A 298 12.80 6.77 -2.93
C SER A 298 12.44 6.29 -1.52
N ILE A 299 12.54 7.21 -0.55
CA ILE A 299 12.18 6.94 0.83
C ILE A 299 12.07 8.29 1.54
N VAL A 300 11.22 8.35 2.56
CA VAL A 300 11.08 9.57 3.35
C VAL A 300 11.20 9.24 4.83
N ASP A 301 11.78 10.16 5.60
CA ASP A 301 11.85 9.99 7.05
C ASP A 301 10.56 10.52 7.67
N HIS A 302 10.28 10.11 8.90
CA HIS A 302 9.01 10.46 9.54
C HIS A 302 8.87 11.96 9.85
N HIS A 303 9.99 12.65 10.02
CA HIS A 303 9.95 14.08 10.28
C HIS A 303 9.56 14.88 9.03
N THR A 304 10.24 14.58 7.93
CA THR A 304 9.94 15.21 6.64
C THR A 304 8.50 14.90 6.21
N ALA A 305 8.09 13.66 6.41
CA ALA A 305 6.74 13.23 6.08
C ALA A 305 5.71 13.99 6.89
N ALA A 306 6.00 14.19 8.17
CA ALA A 306 5.11 14.95 9.06
C ALA A 306 5.02 16.41 8.62
N SER A 307 6.15 16.96 8.17
CA SER A 307 6.16 18.33 7.66
C SER A 307 5.29 18.44 6.41
N GLN A 308 5.43 17.46 5.52
CA GLN A 308 4.63 17.41 4.30
C GLN A 308 3.14 17.26 4.62
N PHE A 309 2.83 16.46 5.63
CA PHE A 309 1.44 16.24 6.01
C PHE A 309 0.81 17.49 6.62
N LYS A 310 1.63 18.33 7.23
CA LYS A 310 1.16 19.60 7.78
C LYS A 310 0.78 20.53 6.64
N ARG A 311 1.55 20.46 5.56
CA ARG A 311 1.24 21.20 4.34
C ARG A 311 -0.06 20.72 3.75
N PHE A 312 -0.27 19.41 3.78
CA PHE A 312 -1.53 18.83 3.32
C PHE A 312 -2.69 19.36 4.16
N GLU A 313 -2.47 19.49 5.47
CA GLU A 313 -3.47 20.07 6.36
C GLU A 313 -3.73 21.52 5.98
N GLU A 314 -2.67 22.25 5.64
CA GLU A 314 -2.78 23.64 5.24
C GLU A 314 -3.43 23.76 3.86
N GLN A 315 -3.08 22.85 2.96
CA GLN A 315 -3.67 22.82 1.62
C GLN A 315 -5.17 22.55 1.69
N ALA A 316 -5.57 21.64 2.58
CA ALA A 316 -6.97 21.31 2.76
C ALA A 316 -7.75 22.49 3.32
N GLU A 317 -7.22 23.12 4.36
CA GLU A 317 -7.83 24.30 4.97
C GLU A 317 -7.99 25.43 3.93
N GLU A 318 -6.97 25.57 3.09
CA GLU A 318 -6.92 26.58 2.05
C GLU A 318 -7.99 26.33 0.97
N ALA A 319 -8.40 25.06 0.85
CA ALA A 319 -9.34 24.68 -0.20
C ALA A 319 -10.78 24.57 0.30
N GLY A 320 -10.99 24.84 1.58
CA GLY A 320 -12.31 24.70 2.17
C GLY A 320 -12.69 23.25 2.34
N ARG A 321 -11.72 22.36 2.19
CA ARG A 321 -11.96 20.93 2.34
C ARG A 321 -11.83 20.46 3.79
N LYS A 322 -12.80 19.66 4.22
CA LYS A 322 -12.79 19.07 5.55
C LYS A 322 -11.68 18.04 5.66
N LEU A 323 -10.91 18.10 6.74
CA LEU A 323 -9.81 17.16 6.95
C LEU A 323 -10.24 15.97 7.82
N THR A 324 -9.84 14.78 7.42
CA THR A 324 -10.07 13.58 8.22
C THR A 324 -8.77 12.79 8.42
N GLY A 325 -8.63 12.16 9.58
CA GLY A 325 -7.40 11.45 9.90
C GLY A 325 -7.46 10.53 11.10
N ASP A 326 -6.63 9.49 11.08
CA ASP A 326 -6.52 8.57 12.21
C ASP A 326 -5.24 8.86 12.99
N TRP A 327 -5.40 9.51 14.14
CA TRP A 327 -4.28 9.90 15.00
C TRP A 327 -3.42 8.72 15.40
N THR A 328 -4.07 7.60 15.76
CA THR A 328 -3.38 6.40 16.20
C THR A 328 -2.52 5.77 15.12
N TRP A 329 -2.81 6.10 13.86
CA TRP A 329 -2.07 5.55 12.73
C TRP A 329 -1.17 6.60 12.09
N LEU A 330 -1.51 7.86 12.28
CA LEU A 330 -0.75 8.95 11.70
C LEU A 330 0.56 9.22 12.45
N ILE A 331 0.54 9.07 13.77
CA ILE A 331 1.75 9.21 14.55
C ILE A 331 2.74 8.10 14.19
N PRO A 332 4.01 8.47 13.99
CA PRO A 332 5.05 7.48 13.68
C PRO A 332 5.45 6.71 14.93
N PRO A 333 5.91 5.45 14.75
CA PRO A 333 6.20 4.58 15.89
C PRO A 333 7.51 4.92 16.59
N ILE A 334 8.26 5.89 16.07
CA ILE A 334 9.41 6.42 16.81
C ILE A 334 9.36 7.95 16.91
N SER A 335 9.78 8.46 18.07
CA SER A 335 9.68 9.88 18.42
C SER A 335 8.42 10.61 17.93
N PRO A 336 7.23 10.03 18.19
CA PRO A 336 6.02 10.67 17.67
C PRO A 336 5.76 12.05 18.26
N ALA A 337 6.24 12.29 19.47
CA ALA A 337 6.00 13.58 20.15
C ALA A 337 6.81 14.71 19.53
N ALA A 338 7.77 14.37 18.69
CA ALA A 338 8.58 15.39 18.01
C ALA A 338 7.93 15.82 16.70
N THR A 339 6.69 15.38 16.48
CA THR A 339 5.92 15.77 15.30
C THR A 339 4.65 16.50 15.70
N HIS A 340 4.16 17.36 14.83
CA HIS A 340 2.98 18.17 15.11
C HIS A 340 1.73 17.31 15.22
N ILE A 341 1.77 16.15 14.58
CA ILE A 341 0.66 15.20 14.57
C ILE A 341 0.23 14.81 15.98
N PHE A 342 1.22 14.54 16.83
CA PHE A 342 0.98 14.14 18.21
C PHE A 342 0.20 15.20 18.98
N HIS A 343 0.44 16.47 18.66
CA HIS A 343 -0.05 17.56 19.50
C HIS A 343 -1.36 18.17 19.01
N ARG A 344 -2.00 17.54 18.03
CA ARG A 344 -3.35 17.93 17.63
C ARG A 344 -4.21 16.69 17.39
N SER A 345 -5.52 16.89 17.25
CA SER A 345 -6.43 15.78 17.02
C SER A 345 -6.97 15.76 15.58
N TYR A 346 -7.54 14.63 15.17
CA TYR A 346 -8.06 14.49 13.81
C TYR A 346 -9.41 13.78 13.84
N ASP A 347 -10.28 14.12 12.90
CA ASP A 347 -11.61 13.50 12.80
C ASP A 347 -11.54 12.19 12.00
N ASN A 348 -11.73 11.06 12.67
CA ASN A 348 -11.58 9.75 12.02
C ASN A 348 -12.83 9.32 11.24
N SER A 349 -13.58 10.29 10.71
CA SER A 349 -14.76 9.98 9.92
C SER A 349 -14.35 9.45 8.55
N ILE A 350 -15.12 8.50 8.01
CA ILE A 350 -14.79 7.90 6.72
C ILE A 350 -15.56 8.56 5.57
N VAL A 351 -14.81 9.22 4.69
CA VAL A 351 -15.39 9.84 3.49
C VAL A 351 -15.04 8.99 2.28
N LYS A 352 -16.00 8.83 1.37
CA LYS A 352 -15.76 8.16 0.10
C LYS A 352 -15.55 9.21 -0.99
N PRO A 353 -14.79 8.89 -2.04
CA PRO A 353 -14.08 7.62 -2.35
C PRO A 353 -12.99 7.27 -1.35
N ASN A 354 -12.67 5.98 -1.24
CA ASN A 354 -11.68 5.52 -0.27
C ASN A 354 -11.13 4.12 -0.55
N TYR A 355 -10.18 3.69 0.26
CA TYR A 355 -9.62 2.35 0.18
C TYR A 355 -10.03 1.58 1.43
N PHE A 356 -10.48 0.34 1.26
CA PHE A 356 -10.95 -0.44 2.39
C PHE A 356 -10.28 -1.81 2.45
N TYR A 357 -10.20 -2.36 3.66
CA TYR A 357 -9.76 -3.73 3.85
C TYR A 357 -10.80 -4.64 3.25
N GLN A 358 -10.40 -5.86 2.88
CA GLN A 358 -11.35 -6.89 2.48
C GLN A 358 -10.86 -8.26 2.94
N ASP A 359 -11.78 -9.21 3.02
CA ASP A 359 -11.47 -10.55 3.52
C ASP A 359 -10.48 -11.27 2.63
N LYS A 360 -9.54 -11.97 3.24
CA LYS A 360 -8.58 -12.77 2.51
C LYS A 360 -9.26 -14.02 1.97
N PRO A 361 -8.98 -14.35 0.71
CA PRO A 361 -9.50 -15.56 0.06
C PRO A 361 -8.86 -16.81 0.66
N TYR A 362 -7.63 -16.68 1.14
CA TYR A 362 -6.97 -17.75 1.88
C TYR A 362 -7.36 -17.70 3.35
N GLU A 363 -6.69 -18.50 4.18
CA GLU A 363 -7.02 -18.70 5.60
C GLU A 363 -8.50 -18.94 5.93
CHA HEM B . -1.20 4.18 5.16
CHB HEM B . 2.76 6.73 4.05
CHC HEM B . 1.27 6.85 -0.59
CHD HEM B . -3.03 5.13 0.78
C1A HEM B . 0.05 4.76 5.15
C2A HEM B . 1.00 4.52 6.16
C3A HEM B . 2.10 5.24 5.84
C4A HEM B . 1.85 5.92 4.65
CMA HEM B . 3.37 5.28 6.65
CAA HEM B . 0.85 3.64 7.38
CBA HEM B . 0.99 2.17 6.98
CGA HEM B . 1.25 1.27 8.16
O1A HEM B . 1.59 1.75 9.25
O2A HEM B . 1.12 0.03 8.02
C1B HEM B . 2.69 6.91 2.67
C2B HEM B . 3.78 7.39 1.91
C3B HEM B . 3.40 7.44 0.62
C4B HEM B . 2.00 6.95 0.59
CMB HEM B . 5.14 7.80 2.44
CAB HEM B . 4.22 7.88 -0.54
CBB HEM B . 3.78 8.72 -1.47
C1C HEM B . -0.02 6.34 -0.65
C2C HEM B . -0.74 6.05 -1.82
C3C HEM B . -1.98 5.56 -1.44
C4C HEM B . -2.00 5.55 -0.02
CMC HEM B . -0.22 6.25 -3.23
CAC HEM B . -3.07 5.10 -2.34
CBC HEM B . -3.50 5.77 -3.40
C1D HEM B . -2.80 4.68 2.08
C2D HEM B . -3.79 3.85 2.78
C3D HEM B . -3.28 3.59 3.99
C4D HEM B . -1.98 4.25 4.04
CMD HEM B . -5.11 3.36 2.25
CAD HEM B . -3.95 2.76 5.05
CBD HEM B . -3.55 1.30 4.92
CGD HEM B . -4.02 0.49 6.10
O1D HEM B . -3.24 -0.33 6.65
O2D HEM B . -5.19 0.62 6.51
NA HEM B . 0.58 5.62 4.21
NB HEM B . 1.67 6.63 1.86
NC HEM B . -0.80 6.04 0.42
ND HEM B . -1.73 4.87 2.88
FE HEM B . -0.25 5.92 2.42
N1 H4B C . -0.04 2.90 13.25
C2 H4B C . 0.55 2.45 12.12
N2 H4B C . 1.10 3.36 11.27
N3 H4B C . 0.61 1.15 11.79
C4 H4B C . 0.09 0.19 12.56
O4 H4B C . 0.18 -1.01 12.23
C4A H4B C . -0.57 0.59 13.83
C8A H4B C . -0.60 2.04 14.14
N5 H4B C . -1.13 -0.28 14.69
N8 H4B C . -1.20 2.48 15.26
C6 H4B C . -2.20 0.27 15.51
C7 H4B C . -1.67 1.51 16.22
C9 H4B C . -2.81 -0.74 16.47
O9 H4B C . -1.79 -1.38 17.25
C10 H4B C . -3.78 -0.02 17.41
C11 H4B C . -4.37 -0.95 18.46
O10 H4B C . -4.85 0.55 16.63
CL CL D . 5.18 -2.81 4.45
N01 XH8 E . 4.40 3.85 2.23
C02 XH8 E . 3.11 3.20 2.25
C03 XH8 E . 2.07 3.62 1.39
C04 XH8 E . 0.84 2.98 1.44
C05 XH8 E . 0.66 1.88 2.37
C06 XH8 E . -0.61 1.20 2.44
C07 XH8 E . -0.80 0.12 3.35
C08 XH8 E . 0.26 -0.28 4.21
C09 XH8 E . 0.06 -1.40 5.17
N10 XH8 E . -1.36 -1.58 5.42
C11 XH8 E . -1.60 -2.90 5.91
C12 XH8 E . -1.04 -3.06 7.32
C13 XH8 E . -1.56 -4.36 8.00
C14 XH8 E . -0.40 -5.46 8.07
C15 XH8 E . -0.22 -6.34 7.03
C16 XH8 E . 0.81 -7.29 7.10
C17 XH8 E . 1.62 -7.31 8.21
N18 XH8 E . 1.42 -6.44 9.21
C19 XH8 E . 0.44 -5.52 9.17
C20 XH8 E . 1.49 0.38 4.15
C21 XH8 E . 1.69 1.49 3.20
N22 XH8 E . 2.90 2.16 3.13
C1 GOL F . 10.05 12.41 -0.53
O1 GOL F . 10.52 13.48 0.29
C2 GOL F . 11.18 11.96 -1.47
O2 GOL F . 11.21 12.82 -2.62
C3 GOL F . 10.89 10.54 -1.92
O3 GOL F . 12.08 10.00 -2.49
#